data_1PAD
#
_entry.id   1PAD
#
_cell.length_a   45.000
_cell.length_b   104.300
_cell.length_c   50.800
_cell.angle_alpha   90.00
_cell.angle_beta   90.00
_cell.angle_gamma   90.00
#
_symmetry.space_group_name_H-M   'P 21 21 21'
#
loop_
_entity.id
_entity.type
_entity.pdbx_description
1 polymer PAPAIN
2 polymer 'ACETYL-ALA-ALA-PHE-ALA-CHLOROMETHYLKETONE INHIBITOR'
3 water water
#
loop_
_entity_poly.entity_id
_entity_poly.type
_entity_poly.pdbx_seq_one_letter_code
_entity_poly.pdbx_strand_id
1 'polypeptide(L)'
;IPEYVDWRQKGAVTPVKNQGSCGSCWAFSAVVTIEGIIKIRTGNLNQYSEQELLDCDRRSYGCNGGYPWSALQLVAQYGI
HYRNTYPYEGVQRYCRSREKGPYAAKTDGVRQVQPYNQGALLYSIANQPVSVVLQAAGKDFQLYRGGIFVGPCGNKVDHA
VAAVGYGPNYILIKNSWGTGWGENGYIRIKRGTGNSYGVCGLYTSSFYPVKN
;
A
2 'polypeptide(L)' (ACE)AAFA(0QE) I
#
# COMPACT_ATOMS: atom_id res chain seq x y z
N ILE A 1 -18.02 2.86 13.79
CA ILE A 1 -16.58 2.67 13.54
C ILE A 1 -16.67 1.27 14.17
N PRO A 2 -16.94 0.31 13.29
CA PRO A 2 -17.06 -1.11 13.68
C PRO A 2 -15.88 -1.48 14.57
N GLU A 3 -16.05 -2.61 15.24
CA GLU A 3 -15.04 -3.17 16.14
C GLU A 3 -14.08 -3.99 15.27
N TYR A 4 -14.56 -4.30 14.08
CA TYR A 4 -13.80 -5.07 13.08
C TYR A 4 -13.94 -4.45 11.69
N VAL A 5 -12.80 -4.34 11.03
CA VAL A 5 -12.70 -3.78 9.68
C VAL A 5 -11.84 -4.59 8.71
N ASP A 6 -12.52 -5.38 7.89
CA ASP A 6 -11.90 -6.22 6.87
C ASP A 6 -12.54 -5.81 5.55
N TRP A 7 -11.68 -5.41 4.62
CA TRP A 7 -12.08 -4.99 3.28
C TRP A 7 -12.01 -6.14 2.27
N ARG A 8 -11.37 -7.21 2.72
CA ARG A 8 -11.20 -8.43 1.92
C ARG A 8 -12.59 -8.97 1.62
N GLN A 9 -13.28 -9.31 2.70
CA GLN A 9 -14.65 -9.85 2.64
C GLN A 9 -15.64 -8.74 2.28
N LYS A 10 -15.07 -7.61 1.91
CA LYS A 10 -15.82 -6.42 1.51
C LYS A 10 -15.78 -6.24 -0.01
N GLY A 11 -14.90 -7.03 -0.61
CA GLY A 11 -14.70 -7.03 -2.07
C GLY A 11 -13.98 -5.76 -2.53
N ALA A 12 -12.94 -5.43 -1.78
CA ALA A 12 -12.10 -4.26 -2.04
C ALA A 12 -10.64 -4.48 -2.46
N VAL A 13 -10.11 -5.59 -1.99
CA VAL A 13 -8.74 -6.02 -2.28
C VAL A 13 -8.80 -7.30 -3.11
N THR A 14 -7.87 -7.38 -4.05
CA THR A 14 -7.74 -8.53 -4.95
C THR A 14 -6.62 -9.39 -4.39
N PRO A 15 -6.37 -10.50 -5.08
CA PRO A 15 -5.32 -11.46 -4.73
C PRO A 15 -4.03 -10.70 -4.41
N VAL A 16 -3.11 -11.42 -3.79
CA VAL A 16 -1.80 -10.90 -3.41
C VAL A 16 -0.79 -11.01 -4.56
N LYS A 17 0.21 -10.15 -4.50
CA LYS A 17 1.28 -10.09 -5.49
C LYS A 17 2.66 -9.89 -4.88
N ASN A 18 3.66 -10.01 -5.74
CA ASN A 18 5.07 -9.84 -5.37
C ASN A 18 5.78 -8.87 -6.32
N GLN A 19 6.57 -7.99 -5.70
CA GLN A 19 7.36 -6.98 -6.42
C GLN A 19 8.59 -7.66 -7.03
N GLY A 20 8.96 -8.77 -6.39
CA GLY A 20 10.10 -9.58 -6.81
C GLY A 20 11.38 -8.85 -6.38
N SER A 21 12.43 -9.11 -7.14
CA SER A 21 13.75 -8.50 -6.91
C SER A 21 13.76 -7.04 -7.37
N CYS A 22 12.60 -6.42 -7.21
CA CYS A 22 12.40 -5.01 -7.57
C CYS A 22 11.95 -4.25 -6.32
N GLY A 23 12.74 -3.24 -5.99
CA GLY A 23 12.50 -2.38 -4.83
C GLY A 23 11.44 -1.40 -5.32
N SER A 24 10.22 -1.89 -5.35
CA SER A 24 9.04 -1.11 -5.78
C SER A 24 7.72 -1.16 -5.03
N CYS A 25 7.82 -1.62 -3.70
CA CYS A 25 7.05 -1.42 -2.40
C CYS A 25 5.85 -0.41 -2.82
N TRP A 26 6.35 0.74 -3.14
CA TRP A 26 5.65 2.04 -3.12
C TRP A 26 4.51 2.11 -4.14
N ALA A 27 4.81 1.63 -5.33
CA ALA A 27 3.86 1.60 -6.45
C ALA A 27 2.76 0.56 -6.28
N PHE A 28 3.11 -0.50 -5.56
CA PHE A 28 2.21 -1.61 -5.26
C PHE A 28 1.22 -1.19 -4.17
N SER A 29 1.77 -0.54 -3.15
CA SER A 29 1.01 -0.04 -2.00
C SER A 29 -0.08 0.89 -2.54
N ALA A 30 0.34 1.74 -3.46
CA ALA A 30 -0.55 2.72 -4.12
C ALA A 30 -1.73 2.14 -4.90
N VAL A 31 -1.39 1.25 -5.81
CA VAL A 31 -2.37 0.56 -6.67
C VAL A 31 -3.51 -0.05 -5.87
N VAL A 32 -3.16 -0.43 -4.64
CA VAL A 32 -4.11 -1.03 -3.69
C VAL A 32 -4.96 0.06 -3.05
N THR A 33 -4.31 1.19 -2.81
CA THR A 33 -4.94 2.37 -2.21
C THR A 33 -6.04 2.88 -3.16
N ILE A 34 -5.58 3.39 -4.29
CA ILE A 34 -6.45 3.91 -5.34
C ILE A 34 -7.53 2.86 -5.59
N GLU A 35 -7.07 1.66 -5.85
CA GLU A 35 -7.93 0.50 -6.10
C GLU A 35 -9.15 0.45 -5.18
N GLY A 36 -8.85 0.36 -3.89
CA GLY A 36 -9.86 0.32 -2.83
C GLY A 36 -10.97 1.35 -3.01
N ILE A 37 -10.55 2.60 -3.03
CA ILE A 37 -11.44 3.75 -3.19
C ILE A 37 -12.27 3.64 -4.47
N ILE A 38 -11.59 3.23 -5.53
CA ILE A 38 -12.19 3.04 -6.85
C ILE A 38 -13.38 2.08 -6.87
N LYS A 39 -13.32 1.13 -5.95
CA LYS A 39 -14.36 0.10 -5.78
C LYS A 39 -15.41 0.45 -4.72
N ILE A 40 -15.01 1.36 -3.85
CA ILE A 40 -15.87 1.86 -2.76
C ILE A 40 -17.11 2.69 -3.10
N ARG A 41 -17.04 3.31 -4.27
CA ARG A 41 -18.11 4.14 -4.80
C ARG A 41 -18.80 3.56 -6.04
N THR A 42 -17.98 3.31 -7.05
CA THR A 42 -18.43 2.73 -8.32
C THR A 42 -19.01 1.32 -8.23
N GLY A 43 -18.42 0.54 -7.34
CA GLY A 43 -18.83 -0.84 -7.08
C GLY A 43 -18.19 -1.74 -8.14
N ASN A 44 -16.99 -1.34 -8.53
CA ASN A 44 -16.19 -2.07 -9.53
C ASN A 44 -14.76 -2.26 -9.05
N LEU A 45 -14.45 -3.50 -8.73
CA LEU A 45 -13.12 -3.91 -8.25
C LEU A 45 -12.18 -4.09 -9.44
N ASN A 46 -11.03 -3.44 -9.33
CA ASN A 46 -9.97 -3.50 -10.33
C ASN A 46 -8.51 -3.65 -9.92
N GLN A 47 -7.75 -4.24 -10.83
CA GLN A 47 -6.31 -4.48 -10.65
C GLN A 47 -5.59 -3.56 -11.64
N TYR A 48 -4.98 -2.53 -11.09
CA TYR A 48 -4.23 -1.53 -11.86
C TYR A 48 -2.74 -1.88 -11.85
N SER A 49 -2.06 -1.36 -12.86
CA SER A 49 -0.61 -1.57 -13.05
C SER A 49 0.30 -0.71 -12.17
N GLU A 50 1.23 -1.40 -11.52
CA GLU A 50 2.23 -0.79 -10.64
C GLU A 50 3.46 -0.55 -11.51
N GLN A 51 3.61 -1.44 -12.48
CA GLN A 51 4.72 -1.39 -13.44
C GLN A 51 4.75 0.00 -14.08
N GLU A 52 3.57 0.45 -14.45
CA GLU A 52 3.38 1.78 -15.07
C GLU A 52 3.90 2.88 -14.16
N LEU A 53 3.50 2.77 -12.90
CA LEU A 53 3.91 3.73 -11.85
C LEU A 53 5.43 3.82 -11.73
N LEU A 54 6.05 2.68 -11.99
CA LEU A 54 7.52 2.53 -11.94
C LEU A 54 8.21 3.26 -13.09
N ASP A 55 7.78 2.90 -14.29
CA ASP A 55 8.30 3.48 -15.54
C ASP A 55 7.96 4.95 -15.82
N CYS A 56 6.87 5.38 -15.20
CA CYS A 56 6.38 6.76 -15.32
C CYS A 56 6.85 7.77 -14.28
N ASP A 57 6.88 7.31 -13.04
CA ASP A 57 7.31 8.10 -11.90
C ASP A 57 8.84 8.17 -11.88
N ARG A 58 9.33 9.32 -12.32
CA ARG A 58 10.78 9.59 -12.37
C ARG A 58 11.19 10.28 -11.08
N ARG A 59 10.17 10.74 -10.37
CA ARG A 59 10.35 11.43 -9.08
C ARG A 59 10.75 10.37 -8.06
N SER A 60 10.28 9.16 -8.31
CA SER A 60 10.55 7.99 -7.47
C SER A 60 11.74 7.38 -8.23
N TYR A 61 12.39 6.46 -7.55
CA TYR A 61 13.55 5.73 -8.09
C TYR A 61 13.23 4.27 -8.37
N GLY A 62 12.13 4.09 -9.09
CA GLY A 62 11.64 2.77 -9.48
C GLY A 62 12.04 1.50 -8.74
N CYS A 63 12.73 0.63 -9.46
CA CYS A 63 13.23 -0.64 -8.94
C CYS A 63 14.29 -0.45 -7.85
N ASN A 64 13.87 0.27 -6.81
CA ASN A 64 14.70 0.57 -5.65
C ASN A 64 14.61 1.98 -5.07
N GLY A 65 13.44 2.26 -4.52
CA GLY A 65 13.14 3.56 -3.90
C GLY A 65 11.94 4.24 -4.57
N GLY A 66 11.16 4.90 -3.74
CA GLY A 66 9.96 5.65 -4.17
C GLY A 66 9.14 6.26 -3.04
N TYR A 67 8.07 6.92 -3.47
CA TYR A 67 7.12 7.59 -2.56
C TYR A 67 5.67 7.24 -2.90
N PRO A 68 5.12 6.36 -2.09
CA PRO A 68 3.73 5.89 -2.24
C PRO A 68 2.83 7.10 -2.44
N TRP A 69 3.34 8.24 -2.02
CA TRP A 69 2.63 9.53 -2.14
C TRP A 69 3.08 10.28 -3.39
N SER A 70 4.17 9.95 -3.97
CA SER A 70 4.09 10.35 -5.60
C SER A 70 3.11 9.63 -6.53
N ALA A 71 3.16 8.30 -6.44
CA ALA A 71 2.29 7.41 -7.22
C ALA A 71 0.86 7.91 -7.31
N LEU A 72 0.24 7.98 -6.14
CA LEU A 72 -1.15 8.43 -5.99
C LEU A 72 -1.34 9.79 -6.69
N GLN A 73 -0.55 10.74 -6.23
CA GLN A 73 -0.57 12.12 -6.77
C GLN A 73 -0.56 12.01 -8.29
N LEU A 74 0.38 11.22 -8.78
CA LEU A 74 0.57 10.96 -10.21
C LEU A 74 -0.77 10.63 -10.87
N VAL A 75 -1.35 9.54 -10.39
CA VAL A 75 -2.65 9.04 -10.87
C VAL A 75 -3.69 10.15 -10.97
N ALA A 76 -3.94 10.77 -9.83
CA ALA A 76 -4.91 11.88 -9.71
C ALA A 76 -4.67 12.91 -10.81
N GLN A 77 -3.39 13.24 -10.97
CA GLN A 77 -2.93 14.21 -11.98
C GLN A 77 -3.18 13.70 -13.40
N TYR A 78 -2.62 12.53 -13.66
CA TYR A 78 -2.73 11.86 -14.97
C TYR A 78 -3.80 10.77 -14.92
N GLY A 79 -3.37 9.62 -14.42
CA GLY A 79 -4.24 8.43 -14.26
C GLY A 79 -3.39 7.18 -14.04
N ILE A 80 -4.01 6.05 -14.34
CA ILE A 80 -3.38 4.73 -14.21
C ILE A 80 -4.19 3.67 -14.97
N HIS A 81 -3.45 2.76 -15.58
CA HIS A 81 -4.02 1.66 -16.36
C HIS A 81 -4.26 0.37 -15.56
N TYR A 82 -4.88 -0.58 -16.23
CA TYR A 82 -5.19 -1.90 -15.67
C TYR A 82 -3.82 -2.57 -15.56
N ARG A 83 -3.84 -3.71 -14.88
CA ARG A 83 -2.63 -4.53 -14.67
C ARG A 83 -2.60 -5.62 -15.75
N ASN A 84 -3.37 -5.36 -16.80
CA ASN A 84 -3.47 -6.25 -17.95
C ASN A 84 -2.89 -5.50 -19.15
N THR A 85 -3.23 -4.22 -19.20
CA THR A 85 -2.77 -3.31 -20.26
C THR A 85 -1.47 -2.66 -19.79
N TYR A 86 -0.93 -3.23 -18.72
CA TYR A 86 0.32 -2.77 -18.11
C TYR A 86 0.81 -3.64 -16.96
N PRO A 87 0.70 -4.93 -17.17
CA PRO A 87 1.11 -5.96 -16.20
C PRO A 87 2.50 -5.59 -15.65
N TYR A 88 2.78 -6.15 -14.49
CA TYR A 88 4.05 -5.95 -13.79
C TYR A 88 5.06 -6.94 -14.37
N GLU A 89 6.27 -6.43 -14.55
CA GLU A 89 7.40 -7.21 -15.09
C GLU A 89 8.49 -7.32 -14.04
N GLY A 90 8.69 -6.21 -13.35
CA GLY A 90 9.68 -6.09 -12.28
C GLY A 90 10.89 -5.17 -12.49
N VAL A 91 10.98 -4.67 -13.71
CA VAL A 91 12.06 -3.76 -14.12
C VAL A 91 11.50 -2.43 -14.64
N GLN A 92 12.07 -1.36 -14.10
CA GLN A 92 11.69 0.01 -14.46
C GLN A 92 12.12 0.22 -15.91
N ARG A 93 11.28 0.94 -16.62
CA ARG A 93 11.50 1.28 -18.04
C ARG A 93 10.78 2.55 -18.50
N TYR A 94 10.72 2.67 -19.82
CA TYR A 94 10.07 3.81 -20.49
C TYR A 94 8.57 3.84 -20.19
N CYS A 95 8.08 5.04 -19.93
CA CYS A 95 6.66 5.29 -19.64
C CYS A 95 5.91 4.85 -20.89
N ARG A 96 4.88 4.05 -20.66
CA ARG A 96 4.02 3.53 -21.72
C ARG A 96 2.62 4.14 -21.63
N SER A 97 2.39 4.80 -20.51
CA SER A 97 1.12 5.47 -20.23
C SER A 97 0.50 5.96 -21.54
N ARG A 98 1.09 7.03 -22.05
CA ARG A 98 0.67 7.66 -23.31
C ARG A 98 0.51 6.70 -24.49
N GLU A 99 1.57 5.92 -24.70
CA GLU A 99 1.63 4.92 -25.77
C GLU A 99 0.55 3.85 -25.61
N LYS A 100 0.27 3.54 -24.36
CA LYS A 100 -0.74 2.55 -23.98
C LYS A 100 -2.14 2.96 -24.41
N GLY A 101 -2.33 4.27 -24.43
CA GLY A 101 -3.61 4.89 -24.82
C GLY A 101 -4.37 5.48 -23.65
N PRO A 102 -5.67 5.66 -23.88
CA PRO A 102 -6.59 6.21 -22.88
C PRO A 102 -6.36 5.51 -21.54
N TYR A 103 -6.49 6.29 -20.48
CA TYR A 103 -6.32 5.83 -19.10
C TYR A 103 -7.63 5.08 -18.83
N ALA A 104 -7.60 4.35 -17.72
CA ALA A 104 -8.76 3.57 -17.26
C ALA A 104 -9.27 3.99 -15.88
N ALA A 105 -8.31 4.41 -15.06
CA ALA A 105 -8.58 4.87 -13.70
C ALA A 105 -7.82 6.17 -13.48
N LYS A 106 -8.50 7.09 -12.79
CA LYS A 106 -7.95 8.41 -12.46
C LYS A 106 -8.75 8.99 -11.29
N THR A 107 -8.02 9.20 -10.20
CA THR A 107 -8.59 9.77 -8.96
C THR A 107 -8.84 11.27 -9.06
N ASP A 108 -9.26 11.82 -7.93
CA ASP A 108 -9.55 13.25 -7.80
C ASP A 108 -8.89 13.98 -6.63
N GLY A 109 -7.69 13.52 -6.32
CA GLY A 109 -6.87 14.08 -5.23
C GLY A 109 -6.22 13.07 -4.29
N VAL A 110 -5.28 13.59 -3.51
CA VAL A 110 -4.54 12.80 -2.52
C VAL A 110 -4.39 13.60 -1.22
N ARG A 111 -4.59 12.89 -0.12
CA ARG A 111 -4.48 13.46 1.23
C ARG A 111 -3.70 12.48 2.10
N GLN A 112 -3.04 13.05 3.10
CA GLN A 112 -2.24 12.29 4.07
C GLN A 112 -2.88 12.33 5.46
N VAL A 113 -2.69 11.23 6.17
CA VAL A 113 -3.21 11.05 7.53
C VAL A 113 -2.12 11.55 8.48
N GLN A 114 -2.58 12.29 9.48
CA GLN A 114 -1.72 12.87 10.52
C GLN A 114 -0.87 11.76 11.14
N PRO A 115 0.41 11.81 10.83
CA PRO A 115 1.39 10.84 11.33
C PRO A 115 1.20 10.66 12.84
N TYR A 116 1.77 9.57 13.33
CA TYR A 116 1.72 9.21 14.76
C TYR A 116 0.42 9.38 15.54
N ASN A 117 -0.60 8.68 15.05
CA ASN A 117 -1.94 8.69 15.65
C ASN A 117 -2.70 7.50 15.07
N GLN A 118 -2.81 6.48 15.91
CA GLN A 118 -3.51 5.23 15.56
C GLN A 118 -4.98 5.56 15.31
N GLY A 119 -5.55 6.27 16.26
CA GLY A 119 -6.95 6.70 16.20
C GLY A 119 -7.29 7.24 14.81
N ALA A 120 -6.34 8.01 14.29
CA ALA A 120 -6.46 8.62 12.96
C ALA A 120 -6.30 7.66 11.78
N LEU A 121 -5.35 6.74 11.94
CA LEU A 121 -5.05 5.72 10.94
C LEU A 121 -6.30 4.90 10.67
N LEU A 122 -6.82 4.33 11.75
CA LEU A 122 -8.02 3.50 11.73
C LEU A 122 -9.20 4.13 10.95
N TYR A 123 -9.59 5.30 11.43
CA TYR A 123 -10.68 6.07 10.84
C TYR A 123 -10.64 6.03 9.32
N SER A 124 -9.52 6.48 8.79
CA SER A 124 -9.26 6.52 7.34
C SER A 124 -9.29 5.13 6.72
N ILE A 125 -8.74 4.18 7.47
CA ILE A 125 -8.68 2.77 7.08
C ILE A 125 -10.09 2.19 7.14
N ALA A 126 -10.95 2.93 7.83
CA ALA A 126 -12.35 2.55 8.02
C ALA A 126 -13.22 3.08 6.86
N ASN A 127 -12.79 4.23 6.35
CA ASN A 127 -13.47 4.91 5.23
C ASN A 127 -12.90 4.44 3.90
N GLN A 128 -11.72 3.86 3.99
CA GLN A 128 -11.00 3.31 2.82
C GLN A 128 -9.55 3.01 3.19
N PRO A 129 -9.06 1.92 2.62
CA PRO A 129 -7.69 1.45 2.84
C PRO A 129 -6.73 2.63 2.67
N VAL A 130 -5.51 2.38 3.12
CA VAL A 130 -4.41 3.37 3.06
C VAL A 130 -3.03 2.75 2.89
N SER A 131 -2.14 3.56 2.35
CA SER A 131 -0.74 3.17 2.10
C SER A 131 0.01 3.63 3.35
N VAL A 132 0.70 2.68 3.95
CA VAL A 132 1.50 2.91 5.16
C VAL A 132 2.89 2.29 5.03
N VAL A 133 3.83 2.90 5.74
CA VAL A 133 5.22 2.46 5.78
C VAL A 133 5.57 1.80 7.11
N LEU A 134 6.82 1.37 7.19
CA LEU A 134 7.37 0.71 8.39
C LEU A 134 8.75 0.09 8.18
N GLN A 135 9.23 -0.52 9.27
CA GLN A 135 10.53 -1.20 9.29
C GLN A 135 10.35 -2.67 8.89
N ALA A 136 10.94 -2.99 7.75
CA ALA A 136 10.90 -4.34 7.18
C ALA A 136 12.30 -4.94 7.11
N ALA A 137 13.26 -4.04 6.98
CA ALA A 137 14.69 -4.39 6.90
C ALA A 137 14.80 -5.36 8.08
N GLY A 138 13.69 -5.48 8.79
CA GLY A 138 13.56 -6.37 9.95
C GLY A 138 14.04 -7.76 9.56
N LYS A 139 14.56 -8.46 10.56
CA LYS A 139 15.08 -9.82 10.41
C LYS A 139 14.04 -10.78 11.01
N ASP A 140 13.04 -10.18 11.62
CA ASP A 140 11.93 -10.91 12.25
C ASP A 140 10.67 -10.84 11.38
N PHE A 141 10.40 -9.62 10.93
CA PHE A 141 9.25 -9.32 10.07
C PHE A 141 9.49 -10.04 8.74
N GLN A 142 10.77 -10.29 8.48
CA GLN A 142 11.22 -10.97 7.27
C GLN A 142 10.90 -12.47 7.32
N LEU A 143 10.91 -12.99 8.54
CA LEU A 143 10.63 -14.40 8.82
C LEU A 143 9.19 -14.78 9.19
N TYR A 144 8.43 -13.75 9.51
CA TYR A 144 7.01 -13.90 9.89
C TYR A 144 6.32 -14.84 8.90
N ARG A 145 5.84 -15.94 9.47
CA ARG A 145 5.12 -16.98 8.72
C ARG A 145 3.81 -17.20 9.46
N GLY A 146 3.23 -16.09 9.89
CA GLY A 146 1.96 -16.06 10.62
C GLY A 146 2.11 -15.72 12.10
N GLY A 147 1.24 -14.82 12.53
CA GLY A 147 1.20 -14.34 13.92
C GLY A 147 0.90 -12.86 14.10
N ILE A 148 1.10 -12.41 15.34
CA ILE A 148 0.89 -11.01 15.73
C ILE A 148 2.27 -10.47 16.09
N PHE A 149 2.82 -9.70 15.17
CA PHE A 149 4.14 -9.09 15.32
C PHE A 149 4.13 -7.96 16.36
N VAL A 150 5.04 -8.10 17.32
CA VAL A 150 5.22 -7.14 18.41
C VAL A 150 6.68 -6.66 18.33
N GLY A 151 7.50 -7.54 17.76
CA GLY A 151 8.93 -7.28 17.57
C GLY A 151 9.72 -8.60 17.61
N PRO A 152 10.87 -8.38 18.00
CA PRO A 152 11.32 -6.93 18.06
C PRO A 152 11.50 -6.31 16.67
N CYS A 153 11.51 -4.99 16.65
CA CYS A 153 11.68 -4.19 15.43
C CYS A 153 12.01 -2.76 15.86
N GLY A 154 12.36 -1.96 14.86
CA GLY A 154 12.71 -0.55 15.05
C GLY A 154 11.87 0.61 14.51
N ASN A 155 12.46 1.80 14.58
CA ASN A 155 11.84 3.05 14.10
C ASN A 155 12.45 3.61 12.82
N LYS A 156 13.19 2.75 12.13
CA LYS A 156 13.86 3.09 10.87
C LYS A 156 12.99 2.63 9.70
N VAL A 157 11.98 3.44 9.41
CA VAL A 157 11.03 3.18 8.32
C VAL A 157 11.77 3.13 6.98
N ASP A 158 11.36 2.16 6.18
CA ASP A 158 11.93 1.93 4.83
C ASP A 158 11.32 0.95 3.83
N HIS A 159 10.08 0.58 4.11
CA HIS A 159 9.30 -0.35 3.26
C HIS A 159 7.84 0.11 3.40
N ALA A 160 7.18 0.11 2.25
CA ALA A 160 5.76 0.51 2.14
C ALA A 160 4.89 -0.72 1.85
N VAL A 161 3.75 -0.75 2.53
CA VAL A 161 2.76 -1.83 2.38
C VAL A 161 1.39 -1.17 2.46
N ALA A 162 0.41 -2.00 2.80
CA ALA A 162 -1.00 -1.57 2.94
C ALA A 162 -1.82 -2.21 4.06
N ALA A 163 -2.64 -1.36 4.67
CA ALA A 163 -3.54 -1.77 5.77
C ALA A 163 -4.91 -2.00 5.11
N VAL A 164 -5.43 -3.19 5.36
CA VAL A 164 -6.74 -3.62 4.83
C VAL A 164 -7.61 -4.22 5.94
N GLY A 165 -7.55 -3.58 7.09
CA GLY A 165 -8.33 -3.97 8.28
C GLY A 165 -7.59 -3.90 9.61
N TYR A 166 -8.39 -3.90 10.68
CA TYR A 166 -7.89 -3.85 12.06
C TYR A 166 -8.93 -4.47 13.00
N GLY A 167 -8.47 -4.79 14.20
CA GLY A 167 -9.29 -5.39 15.26
C GLY A 167 -9.00 -4.61 16.54
N PRO A 168 -9.75 -4.96 17.57
CA PRO A 168 -9.63 -4.35 18.90
C PRO A 168 -8.14 -4.29 19.29
N ASN A 169 -7.40 -5.24 18.75
CA ASN A 169 -5.96 -5.37 18.98
C ASN A 169 -4.85 -5.61 17.93
N TYR A 170 -5.30 -6.08 16.77
CA TYR A 170 -4.41 -6.38 15.64
C TYR A 170 -4.79 -5.55 14.41
N ILE A 171 -3.75 -5.06 13.74
CA ILE A 171 -3.87 -4.24 12.52
C ILE A 171 -3.44 -5.19 11.40
N LEU A 172 -4.27 -5.21 10.35
CA LEU A 172 -4.04 -6.04 9.16
C LEU A 172 -3.31 -5.29 8.04
N ILE A 173 -2.25 -5.93 7.57
CA ILE A 173 -1.41 -5.41 6.48
C ILE A 173 -1.10 -6.32 5.30
N LYS A 174 -1.28 -5.75 4.11
CA LYS A 174 -1.05 -6.45 2.84
C LYS A 174 0.41 -6.12 2.44
N ASN A 175 1.19 -7.18 2.34
CA ASN A 175 2.62 -7.10 1.96
C ASN A 175 2.81 -7.31 0.46
N SER A 176 3.82 -6.62 -0.06
CA SER A 176 4.20 -6.70 -1.48
C SER A 176 5.15 -7.84 -1.86
N TRP A 177 5.13 -8.86 -1.00
CA TRP A 177 5.94 -10.07 -1.17
C TRP A 177 4.90 -11.10 -1.59
N GLY A 178 5.40 -12.30 -1.88
CA GLY A 178 4.57 -13.44 -2.30
C GLY A 178 3.68 -13.88 -1.12
N THR A 179 2.75 -14.77 -1.44
CA THR A 179 1.81 -15.34 -0.47
C THR A 179 2.57 -16.44 0.28
N GLY A 180 3.89 -16.38 0.16
CA GLY A 180 4.80 -17.33 0.80
C GLY A 180 5.48 -16.59 1.96
N TRP A 181 4.75 -15.62 2.49
CA TRP A 181 5.20 -14.79 3.62
C TRP A 181 4.03 -14.49 4.55
N GLY A 182 4.36 -14.38 5.83
CA GLY A 182 3.39 -14.07 6.89
C GLY A 182 2.28 -15.13 6.82
N GLU A 183 1.05 -14.64 6.81
CA GLU A 183 -0.16 -15.47 6.73
C GLU A 183 -0.84 -15.33 5.36
N ASN A 184 -0.19 -15.91 4.36
CA ASN A 184 -0.68 -15.90 2.97
C ASN A 184 -0.53 -14.54 2.28
N GLY A 185 0.57 -13.88 2.60
CA GLY A 185 0.92 -12.56 2.04
C GLY A 185 0.38 -11.48 2.98
N TYR A 186 -0.30 -11.95 4.02
CA TYR A 186 -0.90 -11.09 5.05
C TYR A 186 -0.12 -11.22 6.37
N ILE A 187 -0.15 -10.12 7.12
CA ILE A 187 0.52 -10.03 8.43
C ILE A 187 -0.27 -9.12 9.37
N ARG A 188 -0.44 -9.62 10.60
CA ARG A 188 -1.16 -8.89 11.67
C ARG A 188 -0.14 -8.39 12.69
N ILE A 189 -0.15 -7.06 12.84
CA ILE A 189 0.74 -6.36 13.78
C ILE A 189 -0.26 -5.99 14.88
N LYS A 190 0.30 -5.69 16.04
CA LYS A 190 -0.47 -5.29 17.23
C LYS A 190 -0.53 -3.77 17.45
N ARG A 191 -1.72 -3.32 17.78
CA ARG A 191 -2.00 -1.90 18.05
C ARG A 191 -2.29 -1.79 19.55
N GLY A 192 -2.49 -0.55 19.98
CA GLY A 192 -2.79 -0.22 21.39
C GLY A 192 -1.70 -0.83 22.27
N THR A 193 -0.65 -0.05 22.45
CA THR A 193 0.51 -0.43 23.28
C THR A 193 1.15 0.79 23.92
N GLY A 194 0.93 1.92 23.27
CA GLY A 194 1.45 3.23 23.71
C GLY A 194 2.43 3.79 22.68
N ASN A 195 3.11 2.85 22.02
CA ASN A 195 4.10 3.16 20.98
C ASN A 195 3.44 4.08 19.94
N SER A 196 3.67 5.36 20.13
CA SER A 196 3.15 6.42 19.25
C SER A 196 3.60 6.19 17.80
N TYR A 197 4.91 6.05 17.66
CA TYR A 197 5.57 5.81 16.37
C TYR A 197 4.80 4.62 15.77
N GLY A 198 4.55 3.64 16.63
CA GLY A 198 3.83 2.41 16.26
C GLY A 198 4.97 1.44 15.96
N VAL A 199 4.78 0.22 16.44
CA VAL A 199 5.75 -0.87 16.25
C VAL A 199 6.13 -0.92 14.77
N CYS A 200 7.43 -0.92 14.54
CA CYS A 200 8.02 -0.98 13.19
C CYS A 200 7.86 0.34 12.42
N GLY A 201 7.40 1.34 13.16
CA GLY A 201 7.18 2.70 12.62
C GLY A 201 6.07 2.74 11.57
N LEU A 202 5.01 2.00 11.87
CA LEU A 202 3.83 1.90 11.00
C LEU A 202 2.91 3.12 11.04
N TYR A 203 3.26 4.05 11.91
CA TYR A 203 2.54 5.31 12.10
C TYR A 203 3.23 6.60 11.66
N THR A 204 4.37 6.41 10.98
CA THR A 204 5.19 7.51 10.46
C THR A 204 4.51 8.41 9.43
N SER A 205 4.25 7.83 8.27
CA SER A 205 3.60 8.52 7.14
C SER A 205 2.71 7.67 6.23
N SER A 206 1.41 7.92 6.35
CA SER A 206 0.38 7.22 5.56
C SER A 206 -0.43 8.12 4.61
N PHE A 207 -0.98 7.46 3.60
CA PHE A 207 -1.81 8.12 2.57
C PHE A 207 -2.95 7.62 1.66
N TYR A 208 -3.53 8.58 0.95
CA TYR A 208 -4.63 8.34 0.01
C TYR A 208 -5.35 9.34 -0.90
N PRO A 209 -5.53 8.92 -2.13
CA PRO A 209 -6.21 9.72 -3.17
C PRO A 209 -7.51 10.30 -2.57
N VAL A 210 -8.41 10.64 -3.48
CA VAL A 210 -9.73 11.21 -3.14
C VAL A 210 -10.53 10.75 -4.36
N LYS A 211 -11.83 10.68 -4.15
CA LYS A 211 -12.80 10.27 -5.18
C LYS A 211 -14.18 10.88 -4.88
N ASN A 212 -14.80 11.36 -5.95
CA ASN A 212 -16.13 11.98 -5.89
C ASN A 212 -17.20 10.99 -6.36
N ALA B 2 14.58 10.08 2.52
CA ALA B 2 15.05 9.08 1.57
C ALA B 2 13.80 8.34 0.96
N ALA B 3 14.05 7.46 -0.02
CA ALA B 3 12.92 6.76 -0.93
C ALA B 3 12.74 5.22 -0.22
N PHE B 4 11.57 4.77 -0.27
CA PHE B 4 11.12 3.48 0.28
C PHE B 4 11.50 2.41 -0.83
N ALA B 5 12.18 1.24 -0.59
CA ALA B 5 12.45 0.29 -1.63
C ALA B 5 11.51 -0.90 -1.52
#